data_8C4G
#
_entry.id   8C4G
#
_cell.length_a   82.021
_cell.length_b   112.034
_cell.length_c   62.489
_cell.angle_alpha   90.00
_cell.angle_beta   90.00
_cell.angle_gamma   90.00
#
_symmetry.space_group_name_H-M   'C 2 2 21'
#
loop_
_entity.id
_entity.type
_entity.pdbx_description
1 polymer '14-3-3 protein sigma'
2 polymer 'ERalpha peptide'
3 non-polymer 'MAGNESIUM ION'
4 non-polymer ~{N}-[3-(5-carbamimidoylthiophen-3-yl)phenyl]propanamide
5 water water
#
loop_
_entity_poly.entity_id
_entity_poly.type
_entity_poly.pdbx_seq_one_letter_code
_entity_poly.pdbx_strand_id
1 'polypeptide(L)'
;GAMGSMERASLIQKAKLAEQAERYEDMAAFMKGAVEKGEELSCEERNLLSVAYKNVVGGQRAAWRVLSSIEQKSNEEGSE
EKGPEVREYREKVETELQGVCDTVLGLLDSHLIKEAGDAESRVFYLKMKGDYYRYLAEVATGDDKKRIIDSARSAYQEAM
DISKKEMPPTNPIRLGLALNFSVFHYEIANSPEEAISLAKTTFDEAMADLHTLSEDSYKDSTLIMQLLRDNLTLWT
;
A
2 'polypeptide(L)' FPA(TPO)V B
#
loop_
_chem_comp.id
_chem_comp.type
_chem_comp.name
_chem_comp.formula
KM8 non-polymer ~{N}-[3-(5-carbamimidoylthiophen-3-yl)phenyl]propanamide 'C14 H15 N3 O S'
MG non-polymer 'MAGNESIUM ION' 'Mg 2'
#
# COMPACT_ATOMS: atom_id res chain seq x y z
N GLY A 1 -17.68 -10.98 -13.80
CA GLY A 1 -17.14 -9.60 -13.75
C GLY A 1 -17.95 -8.68 -14.64
N ALA A 2 -18.45 -7.59 -14.06
CA ALA A 2 -19.24 -6.62 -14.81
C ALA A 2 -18.42 -5.94 -15.89
N MET A 3 -17.10 -6.01 -15.84
CA MET A 3 -16.21 -5.42 -16.85
C MET A 3 -15.80 -6.42 -17.92
N GLY A 4 -16.35 -7.64 -17.87
CA GLY A 4 -15.92 -8.69 -18.78
C GLY A 4 -16.20 -8.39 -20.24
N SER A 5 -17.23 -7.58 -20.52
CA SER A 5 -17.59 -7.26 -21.89
C SER A 5 -16.88 -6.01 -22.44
N MET A 6 -16.07 -5.31 -21.64
CA MET A 6 -15.44 -4.10 -22.14
C MET A 6 -13.98 -4.38 -22.53
N GLU A 7 -13.56 -3.78 -23.65
CA GLU A 7 -12.19 -3.93 -24.14
C GLU A 7 -11.16 -3.54 -23.09
N ARG A 8 -10.04 -4.25 -23.06
CA ARG A 8 -8.96 -3.90 -22.15
C ARG A 8 -8.55 -2.44 -22.34
N ALA A 9 -8.36 -2.02 -23.59
CA ALA A 9 -7.91 -0.66 -23.82
C ALA A 9 -8.95 0.35 -23.36
N SER A 10 -10.23 0.04 -23.51
CA SER A 10 -11.28 0.96 -23.05
C SER A 10 -11.30 1.06 -21.53
N LEU A 11 -11.05 -0.07 -20.84
CA LEU A 11 -10.96 -0.06 -19.37
C LEU A 11 -9.82 0.83 -18.92
N ILE A 12 -8.67 0.74 -19.58
CA ILE A 12 -7.52 1.59 -19.21
C ILE A 12 -7.84 3.06 -19.50
N GLN A 13 -8.44 3.34 -20.66
CA GLN A 13 -8.81 4.72 -20.98
C GLN A 13 -9.76 5.27 -19.91
N LYS A 14 -10.74 4.46 -19.51
CA LYS A 14 -11.71 4.93 -18.52
C LYS A 14 -11.09 5.05 -17.12
N ALA A 15 -10.16 4.17 -16.76
CA ALA A 15 -9.40 4.35 -15.51
C ALA A 15 -8.76 5.72 -15.49
N LYS A 16 -8.17 6.14 -16.61
CA LYS A 16 -7.50 7.44 -16.66
C LYS A 16 -8.50 8.59 -16.54
N LEU A 17 -9.67 8.47 -17.17
CA LEU A 17 -10.71 9.47 -17.05
C LEU A 17 -11.24 9.54 -15.61
N ALA A 18 -11.46 8.38 -15.01
CA ALA A 18 -11.93 8.35 -13.63
C ALA A 18 -10.93 9.01 -12.69
N GLU A 19 -9.63 8.77 -12.89
CA GLU A 19 -8.63 9.48 -12.09
C GLU A 19 -8.80 10.99 -12.22
N GLN A 20 -8.96 11.49 -13.45
CA GLN A 20 -9.09 12.92 -13.69
C GLN A 20 -10.34 13.48 -13.00
N ALA A 21 -11.39 12.68 -12.90
CA ALA A 21 -12.64 13.05 -12.25
C ALA A 21 -12.65 12.75 -10.75
N GLU A 22 -11.53 12.27 -10.19
CA GLU A 22 -11.44 11.86 -8.79
C GLU A 22 -12.51 10.83 -8.41
N ARG A 23 -12.76 9.91 -9.33
CA ARG A 23 -13.74 8.83 -9.13
C ARG A 23 -12.95 7.54 -8.91
N TYR A 24 -12.40 7.40 -7.70
CA TYR A 24 -11.42 6.35 -7.50
C TYR A 24 -12.05 4.97 -7.39
N GLU A 25 -13.28 4.87 -6.87
CA GLU A 25 -13.95 3.57 -6.89
C GLU A 25 -14.14 3.06 -8.31
N ASP A 26 -14.64 3.94 -9.20
CA ASP A 26 -14.74 3.60 -10.61
C ASP A 26 -13.37 3.23 -11.17
N MET A 27 -12.34 4.04 -10.86
CA MET A 27 -11.01 3.79 -11.38
C MET A 27 -10.56 2.36 -11.00
N ALA A 28 -10.82 1.97 -9.74
CA ALA A 28 -10.41 0.66 -9.26
C ALA A 28 -11.18 -0.44 -9.97
N ALA A 29 -12.50 -0.26 -10.14
CA ALA A 29 -13.27 -1.26 -10.87
C ALA A 29 -12.76 -1.44 -12.29
N PHE A 30 -12.45 -0.34 -12.99
CA PHE A 30 -11.92 -0.44 -14.34
C PHE A 30 -10.58 -1.21 -14.35
N MET A 31 -9.68 -0.87 -13.42
CA MET A 31 -8.38 -1.55 -13.39
C MET A 31 -8.51 -3.03 -13.01
N LYS A 32 -9.43 -3.35 -12.10
CA LYS A 32 -9.70 -4.76 -11.80
C LYS A 32 -10.16 -5.49 -13.07
N GLY A 33 -11.04 -4.85 -13.84
CA GLY A 33 -11.44 -5.46 -15.10
C GLY A 33 -10.26 -5.66 -16.03
N ALA A 34 -9.36 -4.67 -16.11
CA ALA A 34 -8.20 -4.80 -16.98
C ALA A 34 -7.29 -5.95 -16.52
N VAL A 35 -7.01 -6.02 -15.22
CA VAL A 35 -6.20 -7.13 -14.71
C VAL A 35 -6.83 -8.45 -15.10
N GLU A 36 -8.14 -8.55 -14.93
CA GLU A 36 -8.83 -9.82 -15.19
C GLU A 36 -8.82 -10.21 -16.66
N LYS A 37 -8.42 -9.33 -17.57
CA LYS A 37 -8.19 -9.78 -18.95
C LYS A 37 -7.05 -10.79 -19.06
N GLY A 38 -6.17 -10.88 -18.06
CA GLY A 38 -5.17 -11.92 -18.01
C GLY A 38 -3.81 -11.57 -18.57
N GLU A 39 -3.67 -10.42 -19.21
CA GLU A 39 -2.37 -9.99 -19.71
C GLU A 39 -1.60 -9.29 -18.60
N GLU A 40 -0.28 -9.35 -18.69
CA GLU A 40 0.55 -8.58 -17.78
C GLU A 40 0.27 -7.08 -17.96
N LEU A 41 0.62 -6.31 -16.92
CA LEU A 41 0.42 -4.87 -16.90
C LEU A 41 1.72 -4.14 -17.22
N SER A 42 1.63 -3.09 -18.01
CA SER A 42 2.76 -2.21 -18.20
C SER A 42 3.02 -1.40 -16.93
N CYS A 43 4.13 -0.67 -16.91
CA CYS A 43 4.42 0.11 -15.72
C CYS A 43 3.33 1.16 -15.46
N GLU A 44 2.90 1.86 -16.51
CA GLU A 44 1.85 2.85 -16.35
C GLU A 44 0.59 2.20 -15.81
N GLU A 45 0.23 1.03 -16.36
CA GLU A 45 -0.99 0.34 -15.92
C GLU A 45 -0.88 -0.11 -14.46
N ARG A 46 0.28 -0.62 -14.06
CA ARG A 46 0.48 -0.98 -12.66
C ARG A 46 0.25 0.21 -11.75
N ASN A 47 0.74 1.39 -12.14
CA ASN A 47 0.51 2.55 -11.32
C ASN A 47 -0.96 2.99 -11.32
N LEU A 48 -1.68 2.80 -12.42
CA LEU A 48 -3.10 3.12 -12.38
C LEU A 48 -3.81 2.22 -11.38
N LEU A 49 -3.44 0.95 -11.35
CA LEU A 49 -4.05 0.01 -10.43
C LEU A 49 -3.77 0.41 -9.00
N SER A 50 -2.51 0.72 -8.68
CA SER A 50 -2.15 1.05 -7.30
C SER A 50 -2.77 2.37 -6.87
N VAL A 51 -2.74 3.38 -7.75
CA VAL A 51 -3.34 4.69 -7.41
C VAL A 51 -4.81 4.51 -7.05
N ALA A 52 -5.53 3.72 -7.84
CA ALA A 52 -6.96 3.57 -7.63
C ALA A 52 -7.26 2.95 -6.27
N TYR A 53 -6.67 1.78 -6.01
CA TYR A 53 -6.96 1.09 -4.75
C TYR A 53 -6.38 1.82 -3.54
N LYS A 54 -5.26 2.52 -3.70
CA LYS A 54 -4.71 3.28 -2.57
C LYS A 54 -5.67 4.36 -2.13
N ASN A 55 -6.30 5.06 -3.08
CA ASN A 55 -7.27 6.09 -2.75
C ASN A 55 -8.50 5.50 -2.11
N VAL A 56 -9.00 4.39 -2.65
CA VAL A 56 -10.20 3.78 -2.09
C VAL A 56 -9.95 3.33 -0.64
N VAL A 57 -8.89 2.53 -0.44
CA VAL A 57 -8.61 2.00 0.89
C VAL A 57 -8.17 3.11 1.81
N GLY A 58 -7.54 4.16 1.27
CA GLY A 58 -7.12 5.25 2.12
C GLY A 58 -8.31 5.98 2.74
N GLY A 59 -9.37 6.19 1.97
CA GLY A 59 -10.57 6.76 2.53
C GLY A 59 -11.23 5.85 3.55
N GLN A 60 -11.24 4.53 3.28
CA GLN A 60 -11.79 3.59 4.25
C GLN A 60 -11.01 3.61 5.54
N ARG A 61 -9.68 3.62 5.44
CA ARG A 61 -8.84 3.66 6.63
C ARG A 61 -9.11 4.91 7.43
N ALA A 62 -9.20 6.06 6.77
CA ALA A 62 -9.45 7.31 7.49
C ALA A 62 -10.78 7.24 8.24
N ALA A 63 -11.81 6.68 7.59
CA ALA A 63 -13.11 6.57 8.24
C ALA A 63 -13.06 5.61 9.42
N TRP A 64 -12.42 4.44 9.23
CA TRP A 64 -12.24 3.46 10.29
C TRP A 64 -11.58 4.08 11.51
N ARG A 65 -10.57 4.92 11.30
CA ARG A 65 -9.88 5.52 12.44
C ARG A 65 -10.78 6.47 13.19
N VAL A 66 -11.56 7.29 12.47
CA VAL A 66 -12.53 8.17 13.11
C VAL A 66 -13.48 7.36 13.96
N LEU A 67 -14.05 6.30 13.38
CA LEU A 67 -15.04 5.52 14.10
C LEU A 67 -14.41 4.75 15.26
N SER A 68 -13.21 4.19 15.05
CA SER A 68 -12.51 3.50 16.13
C SER A 68 -12.24 4.42 17.30
N SER A 69 -11.87 5.67 17.02
CA SER A 69 -11.62 6.62 18.10
C SER A 69 -12.90 6.92 18.87
N ILE A 70 -14.02 7.08 18.17
CA ILE A 70 -15.29 7.31 18.85
C ILE A 70 -15.64 6.11 19.71
N GLU A 71 -15.41 4.91 19.16
CA GLU A 71 -15.73 3.69 19.88
C GLU A 71 -14.92 3.58 21.16
N GLN A 72 -13.60 3.86 21.07
CA GLN A 72 -12.76 3.77 22.25
C GLN A 72 -13.19 4.78 23.31
N LYS A 73 -13.56 5.98 22.90
CA LYS A 73 -14.02 6.99 23.85
C LYS A 73 -15.28 6.52 24.57
N SER A 74 -16.20 5.88 23.83
CA SER A 74 -17.41 5.36 24.45
C SER A 74 -17.14 4.22 25.42
N ASN A 75 -15.96 3.61 25.35
CA ASN A 75 -15.57 2.51 26.24
C ASN A 75 -14.68 2.96 27.39
N GLU A 76 -14.61 4.26 27.66
CA GLU A 76 -13.89 4.76 28.82
C GLU A 76 -14.80 4.80 30.04
N GLU A 77 -14.20 4.99 31.21
CA GLU A 77 -14.98 5.15 32.43
C GLU A 77 -15.78 6.44 32.37
N GLY A 78 -17.03 6.38 32.83
CA GLY A 78 -17.88 7.54 32.91
C GLY A 78 -18.61 7.89 31.62
N SER A 79 -18.43 7.11 30.57
CA SER A 79 -19.09 7.37 29.30
C SER A 79 -20.50 6.83 29.33
N GLU A 80 -21.44 7.61 28.81
CA GLU A 80 -22.82 7.16 28.75
C GLU A 80 -22.98 6.07 27.68
N GLU A 81 -23.73 5.02 28.03
CA GLU A 81 -24.00 3.95 27.10
C GLU A 81 -24.76 4.48 25.89
N LYS A 82 -24.26 4.16 24.69
CA LYS A 82 -24.90 4.60 23.46
C LYS A 82 -25.53 3.46 22.67
N GLY A 83 -25.39 2.22 23.14
CA GLY A 83 -25.90 1.07 22.43
C GLY A 83 -24.88 0.52 21.46
N PRO A 84 -25.32 -0.41 20.59
CA PRO A 84 -24.38 -1.11 19.71
C PRO A 84 -24.02 -0.36 18.45
N GLU A 85 -24.54 0.84 18.25
CA GLU A 85 -24.49 1.46 16.92
C GLU A 85 -23.06 1.81 16.52
N VAL A 86 -22.25 2.34 17.44
CA VAL A 86 -20.88 2.72 17.07
C VAL A 86 -20.08 1.50 16.65
N ARG A 87 -20.16 0.43 17.43
CA ARG A 87 -19.46 -0.80 17.07
C ARG A 87 -19.97 -1.34 15.74
N GLU A 88 -21.30 -1.39 15.56
CA GLU A 88 -21.86 -1.92 14.33
C GLU A 88 -21.34 -1.17 13.12
N TYR A 89 -21.34 0.15 13.18
CA TYR A 89 -20.94 0.93 12.02
C TYR A 89 -19.43 0.85 11.78
N ARG A 90 -18.62 0.86 12.86
CA ARG A 90 -17.20 0.59 12.72
C ARG A 90 -16.96 -0.75 12.04
N GLU A 91 -17.70 -1.77 12.47
CA GLU A 91 -17.59 -3.09 11.86
C GLU A 91 -18.01 -3.06 10.39
N LYS A 92 -19.03 -2.26 10.05
CA LYS A 92 -19.45 -2.18 8.65
C LYS A 92 -18.33 -1.64 7.79
N VAL A 93 -17.74 -0.52 8.19
CA VAL A 93 -16.64 0.05 7.44
C VAL A 93 -15.46 -0.92 7.38
N GLU A 94 -15.15 -1.56 8.51
CA GLU A 94 -14.04 -2.50 8.60
C GLU A 94 -14.22 -3.65 7.62
N THR A 95 -15.45 -4.20 7.55
CA THR A 95 -15.72 -5.30 6.64
C THR A 95 -15.57 -4.87 5.17
N GLU A 96 -15.99 -3.65 4.84
CA GLU A 96 -15.80 -3.13 3.50
C GLU A 96 -14.31 -2.94 3.19
N LEU A 97 -13.55 -2.41 4.15
CA LEU A 97 -12.09 -2.29 3.99
C LEU A 97 -11.44 -3.66 3.75
N GLN A 98 -11.78 -4.65 4.57
CA GLN A 98 -11.21 -5.98 4.41
C GLN A 98 -11.58 -6.55 3.06
N GLY A 99 -12.78 -6.25 2.59
CA GLY A 99 -13.18 -6.70 1.27
C GLY A 99 -12.32 -6.13 0.17
N VAL A 100 -12.00 -4.83 0.26
CA VAL A 100 -11.12 -4.23 -0.73
C VAL A 100 -9.73 -4.85 -0.66
N CYS A 101 -9.20 -5.02 0.54
CA CYS A 101 -7.89 -5.64 0.67
C CYS A 101 -7.89 -7.04 0.09
N ASP A 102 -8.95 -7.82 0.35
CA ASP A 102 -9.00 -9.18 -0.18
C ASP A 102 -9.09 -9.18 -1.70
N THR A 103 -9.80 -8.20 -2.25
CA THR A 103 -9.87 -8.08 -3.71
C THR A 103 -8.49 -7.82 -4.31
N VAL A 104 -7.75 -6.88 -3.75
CA VAL A 104 -6.43 -6.57 -4.29
C VAL A 104 -5.50 -7.78 -4.13
N LEU A 105 -5.49 -8.40 -2.93
CA LEU A 105 -4.63 -9.57 -2.72
C LEU A 105 -5.02 -10.69 -3.67
N GLY A 106 -6.30 -10.79 -3.98
CA GLY A 106 -6.75 -11.78 -4.94
C GLY A 106 -6.22 -11.54 -6.35
N LEU A 107 -6.20 -10.29 -6.79
CA LEU A 107 -5.62 -10.01 -8.09
C LEU A 107 -4.14 -10.32 -8.12
N LEU A 108 -3.43 -9.97 -7.03
CA LEU A 108 -2.00 -10.26 -7.00
C LEU A 108 -1.74 -11.75 -7.02
N ASP A 109 -2.58 -12.53 -6.36
CA ASP A 109 -2.37 -13.97 -6.32
C ASP A 109 -2.92 -14.67 -7.55
N SER A 110 -3.81 -14.03 -8.31
CA SER A 110 -4.45 -14.62 -9.50
C SER A 110 -4.53 -13.56 -10.62
N HIS A 111 -3.41 -13.31 -11.33
CA HIS A 111 -2.17 -14.07 -11.27
C HIS A 111 -1.01 -13.15 -11.50
N LEU A 112 -1.11 -11.92 -10.97
CA LEU A 112 -0.12 -10.89 -11.29
C LEU A 112 1.29 -11.28 -10.82
N ILE A 113 1.43 -11.73 -9.57
CA ILE A 113 2.75 -12.00 -9.02
C ILE A 113 3.43 -13.14 -9.78
N LYS A 114 2.73 -14.25 -10.00
CA LYS A 114 3.39 -15.42 -10.58
C LYS A 114 3.89 -15.17 -12.00
N GLU A 115 3.28 -14.22 -12.73
CA GLU A 115 3.72 -13.88 -14.08
C GLU A 115 4.73 -12.76 -14.14
N ALA A 116 5.07 -12.15 -12.98
CA ALA A 116 5.96 -10.99 -12.95
C ALA A 116 7.40 -11.48 -12.76
N GLY A 117 8.20 -11.35 -13.81
CA GLY A 117 9.59 -11.79 -13.76
C GLY A 117 10.59 -10.65 -13.70
N ASP A 118 10.26 -9.51 -14.28
CA ASP A 118 11.18 -8.37 -14.21
C ASP A 118 11.16 -7.79 -12.81
N ALA A 119 12.32 -7.32 -12.33
CA ALA A 119 12.41 -6.76 -11.00
C ALA A 119 11.38 -5.66 -10.77
N GLU A 120 11.21 -4.75 -11.74
CA GLU A 120 10.32 -3.60 -11.55
C GLU A 120 8.87 -4.03 -11.36
N SER A 121 8.43 -5.08 -12.03
CA SER A 121 7.06 -5.52 -11.80
C SER A 121 6.95 -6.38 -10.54
N ARG A 122 7.87 -7.33 -10.36
CA ARG A 122 7.79 -8.24 -9.21
C ARG A 122 7.89 -7.48 -7.89
N VAL A 123 8.84 -6.54 -7.78
CA VAL A 123 8.96 -5.75 -6.55
C VAL A 123 7.71 -4.93 -6.31
N PHE A 124 7.19 -4.28 -7.38
CA PHE A 124 5.98 -3.48 -7.28
C PHE A 124 4.82 -4.30 -6.69
N TYR A 125 4.58 -5.50 -7.23
CA TYR A 125 3.44 -6.29 -6.74
C TYR A 125 3.68 -6.84 -5.34
N LEU A 126 4.91 -7.24 -5.01
CA LEU A 126 5.18 -7.72 -3.65
C LEU A 126 5.05 -6.59 -2.62
N LYS A 127 5.48 -5.37 -2.98
CA LYS A 127 5.20 -4.22 -2.13
C LYS A 127 3.70 -4.05 -1.90
N MET A 128 2.90 -4.17 -2.97
N MET A 128 2.90 -4.19 -2.97
CA MET A 128 1.45 -4.06 -2.84
CA MET A 128 1.47 -4.05 -2.82
C MET A 128 0.91 -5.14 -1.91
C MET A 128 0.90 -5.14 -1.92
N LYS A 129 1.41 -6.37 -2.05
CA LYS A 129 0.98 -7.45 -1.19
C LYS A 129 1.27 -7.12 0.27
N GLY A 130 2.50 -6.66 0.54
CA GLY A 130 2.82 -6.20 1.89
C GLY A 130 1.88 -5.09 2.37
N ASP A 131 1.64 -4.09 1.52
CA ASP A 131 0.80 -2.96 1.89
C ASP A 131 -0.61 -3.42 2.26
N TYR A 132 -1.21 -4.32 1.46
CA TYR A 132 -2.60 -4.66 1.73
C TYR A 132 -2.73 -5.63 2.90
N TYR A 133 -1.71 -6.48 3.15
CA TYR A 133 -1.69 -7.21 4.41
C TYR A 133 -1.50 -6.25 5.60
N ARG A 134 -0.70 -5.19 5.41
CA ARG A 134 -0.56 -4.20 6.48
C ARG A 134 -1.90 -3.52 6.81
N TYR A 135 -2.70 -3.18 5.79
CA TYR A 135 -4.00 -2.58 6.05
C TYR A 135 -4.93 -3.56 6.77
N LEU A 136 -4.87 -4.84 6.41
CA LEU A 136 -5.61 -5.83 7.18
C LEU A 136 -5.10 -5.91 8.61
N ALA A 137 -3.78 -5.80 8.79
CA ALA A 137 -3.20 -5.87 10.14
C ALA A 137 -3.68 -4.72 11.01
N GLU A 138 -3.87 -3.53 10.42
CA GLU A 138 -4.29 -2.36 11.16
C GLU A 138 -5.62 -2.57 11.86
N VAL A 139 -6.48 -3.44 11.31
CA VAL A 139 -7.81 -3.67 11.87
C VAL A 139 -7.95 -5.04 12.50
N ALA A 140 -6.92 -5.88 12.43
CA ALA A 140 -7.04 -7.24 12.92
C ALA A 140 -6.90 -7.28 14.43
N THR A 141 -7.65 -8.20 15.04
CA THR A 141 -7.63 -8.40 16.49
C THR A 141 -7.73 -9.86 16.92
N GLY A 142 -8.01 -10.81 16.02
CA GLY A 142 -8.34 -12.18 16.38
C GLY A 142 -7.19 -13.15 16.22
N ASP A 143 -7.55 -14.43 16.06
CA ASP A 143 -6.58 -15.52 16.06
C ASP A 143 -5.60 -15.46 14.89
N ASP A 144 -5.86 -14.67 13.86
CA ASP A 144 -4.97 -14.58 12.71
C ASP A 144 -4.24 -13.24 12.60
N LYS A 145 -4.31 -12.40 13.63
CA LYS A 145 -3.57 -11.15 13.59
C LYS A 145 -2.07 -11.40 13.40
N LYS A 146 -1.51 -12.38 14.10
CA LYS A 146 -0.08 -12.64 13.95
C LYS A 146 0.23 -13.16 12.56
N ARG A 147 -0.66 -14.00 12.02
CA ARG A 147 -0.42 -14.55 10.69
C ARG A 147 -0.54 -13.45 9.63
N ILE A 148 -1.46 -12.49 9.82
CA ILE A 148 -1.59 -11.38 8.87
C ILE A 148 -0.32 -10.54 8.89
N ILE A 149 0.20 -10.28 10.10
CA ILE A 149 1.43 -9.51 10.23
C ILE A 149 2.58 -10.23 9.54
N ASP A 150 2.68 -11.54 9.73
CA ASP A 150 3.78 -12.25 9.10
C ASP A 150 3.64 -12.29 7.58
N SER A 151 2.41 -12.36 7.07
CA SER A 151 2.20 -12.32 5.63
C SER A 151 2.68 -11.00 5.06
N ALA A 152 2.38 -9.90 5.75
CA ALA A 152 2.91 -8.60 5.34
C ALA A 152 4.43 -8.61 5.35
N ARG A 153 5.03 -9.05 6.46
CA ARG A 153 6.48 -9.06 6.60
C ARG A 153 7.11 -9.90 5.50
N SER A 154 6.54 -11.06 5.22
CA SER A 154 7.13 -11.96 4.24
C SER A 154 7.14 -11.33 2.86
N ALA A 155 6.04 -10.67 2.49
CA ALA A 155 5.96 -10.06 1.17
C ALA A 155 6.97 -8.92 1.05
N TYR A 156 7.02 -8.05 2.06
CA TYR A 156 7.97 -6.94 2.08
C TYR A 156 9.40 -7.46 2.01
N GLN A 157 9.69 -8.52 2.77
CA GLN A 157 11.05 -9.07 2.79
C GLN A 157 11.46 -9.57 1.41
N GLU A 158 10.59 -10.33 0.74
CA GLU A 158 10.96 -10.83 -0.60
C GLU A 158 11.16 -9.68 -1.56
N ALA A 159 10.32 -8.65 -1.48
CA ALA A 159 10.48 -7.46 -2.32
C ALA A 159 11.81 -6.78 -2.01
N MET A 160 12.15 -6.67 -0.73
CA MET A 160 13.42 -6.04 -0.38
C MET A 160 14.59 -6.82 -0.94
N ASP A 161 14.55 -8.16 -0.83
CA ASP A 161 15.67 -8.97 -1.31
C ASP A 161 15.88 -8.76 -2.81
N ILE A 162 14.79 -8.80 -3.59
CA ILE A 162 14.90 -8.58 -5.03
C ILE A 162 15.40 -7.17 -5.33
N SER A 163 14.85 -6.17 -4.63
CA SER A 163 15.18 -4.78 -4.95
C SER A 163 16.64 -4.50 -4.66
N LYS A 164 17.17 -5.07 -3.58
CA LYS A 164 18.57 -4.88 -3.28
C LYS A 164 19.48 -5.56 -4.29
N LYS A 165 19.09 -6.71 -4.84
CA LYS A 165 19.92 -7.36 -5.83
C LYS A 165 19.80 -6.75 -7.21
N GLU A 166 18.62 -6.25 -7.59
CA GLU A 166 18.32 -5.94 -8.97
C GLU A 166 18.11 -4.48 -9.30
N MET A 167 17.98 -3.60 -8.30
CA MET A 167 17.70 -2.20 -8.55
C MET A 167 18.72 -1.31 -7.88
N PRO A 168 18.98 -0.13 -8.45
CA PRO A 168 19.86 0.81 -7.77
C PRO A 168 19.21 1.38 -6.53
N PRO A 169 19.99 1.90 -5.58
CA PRO A 169 19.42 2.40 -4.31
C PRO A 169 18.50 3.57 -4.47
N THR A 170 18.54 4.25 -5.62
CA THR A 170 17.68 5.40 -5.88
C THR A 170 16.41 5.05 -6.62
N ASN A 171 16.22 3.79 -7.03
CA ASN A 171 15.03 3.43 -7.76
CA ASN A 171 15.03 3.43 -7.76
C ASN A 171 13.80 3.78 -6.94
N PRO A 172 12.84 4.54 -7.50
CA PRO A 172 11.69 4.97 -6.70
C PRO A 172 10.85 3.84 -6.14
N ILE A 173 10.74 2.72 -6.85
CA ILE A 173 10.01 1.57 -6.31
C ILE A 173 10.73 1.04 -5.07
N ARG A 174 12.04 0.86 -5.18
CA ARG A 174 12.85 0.40 -4.04
C ARG A 174 12.73 1.35 -2.88
N LEU A 175 12.76 2.67 -3.15
CA LEU A 175 12.63 3.66 -2.11
C LEU A 175 11.26 3.63 -1.43
N GLY A 176 10.19 3.57 -2.23
CA GLY A 176 8.86 3.54 -1.62
C GLY A 176 8.60 2.26 -0.85
N LEU A 177 9.15 1.15 -1.34
CA LEU A 177 9.06 -0.12 -0.63
C LEU A 177 9.69 0.01 0.74
N ALA A 178 10.89 0.56 0.78
CA ALA A 178 11.58 0.70 2.06
C ALA A 178 10.85 1.66 3.00
N LEU A 179 10.37 2.78 2.48
CA LEU A 179 9.55 3.70 3.27
C LEU A 179 8.40 2.96 3.95
N ASN A 180 7.67 2.16 3.17
CA ASN A 180 6.49 1.50 3.71
C ASN A 180 6.83 0.35 4.65
N PHE A 181 7.87 -0.43 4.32
CA PHE A 181 8.33 -1.50 5.23
C PHE A 181 8.77 -0.90 6.54
N SER A 182 9.45 0.25 6.48
CA SER A 182 9.84 0.95 7.70
C SER A 182 8.63 1.35 8.54
N VAL A 183 7.58 1.87 7.90
CA VAL A 183 6.34 2.16 8.64
C VAL A 183 5.72 0.89 9.20
N PHE A 184 5.71 -0.19 8.42
CA PHE A 184 5.27 -1.49 8.94
C PHE A 184 5.99 -1.83 10.24
N HIS A 185 7.32 -1.67 10.26
CA HIS A 185 8.05 -1.97 11.48
C HIS A 185 7.58 -1.09 12.64
N TYR A 186 7.39 0.19 12.38
CA TYR A 186 7.11 1.15 13.44
C TYR A 186 5.70 0.96 13.97
N GLU A 187 4.72 0.87 13.07
CA GLU A 187 3.31 0.97 13.40
C GLU A 187 2.64 -0.38 13.60
N ILE A 188 3.15 -1.44 12.99
CA ILE A 188 2.51 -2.76 13.00
C ILE A 188 3.29 -3.76 13.86
N ALA A 189 4.61 -3.85 13.66
CA ALA A 189 5.42 -4.89 14.27
C ALA A 189 6.06 -4.45 15.58
N ASN A 190 5.75 -3.26 16.06
CA ASN A 190 6.29 -2.76 17.33
C ASN A 190 7.81 -2.85 17.34
N SER A 191 8.42 -2.46 16.23
CA SER A 191 9.87 -2.50 16.06
C SER A 191 10.34 -1.13 15.62
N PRO A 192 10.19 -0.12 16.48
CA PRO A 192 10.61 1.24 16.07
C PRO A 192 12.09 1.33 15.72
N GLU A 193 12.95 0.58 16.40
CA GLU A 193 14.37 0.66 16.07
C GLU A 193 14.66 0.11 14.68
N GLU A 194 13.99 -0.97 14.28
CA GLU A 194 14.16 -1.48 12.93
C GLU A 194 13.62 -0.48 11.91
N ALA A 195 12.50 0.16 12.23
CA ALA A 195 11.93 1.20 11.36
C ALA A 195 12.92 2.31 11.09
N ILE A 196 13.56 2.80 12.15
CA ILE A 196 14.47 3.92 12.05
C ILE A 196 15.74 3.51 11.32
N SER A 197 16.28 2.33 11.63
CA SER A 197 17.48 1.84 10.93
C SER A 197 17.22 1.71 9.45
N LEU A 198 16.10 1.09 9.09
CA LEU A 198 15.81 0.93 7.67
C LEU A 198 15.71 2.28 6.97
N ALA A 199 14.97 3.23 7.55
CA ALA A 199 14.78 4.52 6.91
C ALA A 199 16.12 5.24 6.74
N LYS A 200 16.97 5.19 7.77
CA LYS A 200 18.26 5.88 7.70
C LYS A 200 19.16 5.26 6.64
N THR A 201 19.33 3.95 6.69
CA THR A 201 20.18 3.26 5.71
C THR A 201 19.67 3.47 4.29
N THR A 202 18.35 3.37 4.08
CA THR A 202 17.81 3.62 2.75
C THR A 202 18.13 5.02 2.28
N PHE A 203 17.89 6.02 3.15
CA PHE A 203 18.18 7.41 2.78
C PHE A 203 19.64 7.60 2.42
N ASP A 204 20.55 7.10 3.25
CA ASP A 204 21.97 7.35 3.03
C ASP A 204 22.49 6.66 1.78
N GLU A 205 22.05 5.44 1.49
CA GLU A 205 22.49 4.76 0.28
C GLU A 205 21.93 5.42 -0.97
N ALA A 206 20.71 5.97 -0.89
CA ALA A 206 20.19 6.69 -2.03
C ALA A 206 20.97 7.98 -2.24
N MET A 207 21.26 8.69 -1.14
CA MET A 207 22.04 9.92 -1.21
C MET A 207 23.32 9.71 -2.01
N ALA A 208 23.99 8.60 -1.76
CA ALA A 208 25.29 8.32 -2.39
C ALA A 208 25.17 7.93 -3.85
N ASP A 209 23.97 7.68 -4.35
CA ASP A 209 23.77 7.25 -5.74
C ASP A 209 23.09 8.34 -6.57
N LEU A 210 22.71 9.47 -5.95
CA LEU A 210 22.05 10.53 -6.69
C LEU A 210 22.92 11.08 -7.81
N HIS A 211 24.25 11.00 -7.67
CA HIS A 211 25.14 11.59 -8.68
C HIS A 211 25.02 10.91 -10.03
N THR A 212 24.46 9.71 -10.08
CA THR A 212 24.39 8.95 -11.32
C THR A 212 23.16 9.30 -12.13
N LEU A 213 22.28 10.15 -11.60
CA LEU A 213 20.94 10.37 -12.12
C LEU A 213 20.81 11.61 -13.00
N SER A 214 19.87 11.52 -13.95
CA SER A 214 19.41 12.71 -14.65
C SER A 214 18.59 13.62 -13.73
N GLU A 215 18.32 14.83 -14.23
CA GLU A 215 17.56 15.79 -13.43
C GLU A 215 16.17 15.27 -13.12
N ASP A 216 15.53 14.60 -14.09
CA ASP A 216 14.18 14.11 -13.83
C ASP A 216 14.20 12.93 -12.85
N SER A 217 15.14 12.00 -13.02
CA SER A 217 15.25 10.90 -12.06
C SER A 217 15.59 11.42 -10.67
N TYR A 218 16.45 12.44 -10.60
CA TYR A 218 16.82 13.04 -9.32
C TYR A 218 15.59 13.56 -8.59
N LYS A 219 14.68 14.23 -9.30
CA LYS A 219 13.47 14.74 -8.65
C LYS A 219 12.61 13.61 -8.13
N ASP A 220 12.47 12.53 -8.91
CA ASP A 220 11.64 11.40 -8.47
C ASP A 220 12.22 10.77 -7.20
N SER A 221 13.54 10.56 -7.17
CA SER A 221 14.13 9.90 -6.00
C SER A 221 14.12 10.82 -4.78
N THR A 222 14.49 12.10 -4.96
CA THR A 222 14.59 12.97 -3.80
C THR A 222 13.21 13.20 -3.18
N LEU A 223 12.13 13.14 -3.98
CA LEU A 223 10.79 13.26 -3.41
C LEU A 223 10.55 12.18 -2.36
N ILE A 224 10.94 10.95 -2.68
CA ILE A 224 10.68 9.87 -1.72
C ILE A 224 11.67 9.92 -0.58
N MET A 225 12.91 10.34 -0.86
CA MET A 225 13.88 10.49 0.22
C MET A 225 13.40 11.49 1.26
N GLN A 226 12.69 12.54 0.83
CA GLN A 226 12.16 13.51 1.78
C GLN A 226 11.11 12.88 2.69
N LEU A 227 10.33 11.93 2.17
CA LEU A 227 9.38 11.22 3.01
C LEU A 227 10.10 10.38 4.07
N LEU A 228 11.19 9.72 3.69
CA LEU A 228 12.01 8.99 4.65
C LEU A 228 12.49 9.93 5.75
N ARG A 229 12.98 11.11 5.34
CA ARG A 229 13.46 12.09 6.31
C ARG A 229 12.34 12.59 7.19
N ASP A 230 11.17 12.86 6.60
CA ASP A 230 10.02 13.29 7.40
C ASP A 230 9.68 12.26 8.46
N ASN A 231 9.67 10.99 8.09
CA ASN A 231 9.37 9.98 9.09
C ASN A 231 10.44 9.93 10.18
N LEU A 232 11.73 9.94 9.78
CA LEU A 232 12.80 9.97 10.77
C LEU A 232 12.64 11.15 11.73
N THR A 233 12.22 12.30 11.21
CA THR A 233 12.02 13.47 12.07
C THR A 233 10.87 13.24 13.03
N LEU A 234 9.81 12.58 12.56
CA LEU A 234 8.69 12.25 13.42
C LEU A 234 9.11 11.29 14.53
N TRP A 235 10.09 10.41 14.25
CA TRP A 235 10.40 9.30 15.14
C TRP A 235 11.60 9.51 16.03
N THR A 236 12.34 10.61 15.84
CA THR A 236 13.54 10.86 16.63
C THR A 236 13.53 12.28 17.24
N PHE B 1 -0.03 10.49 11.37
CA PHE B 1 0.46 9.24 10.79
C PHE B 1 1.74 9.49 9.96
N PRO B 2 2.58 8.46 9.85
CA PRO B 2 3.81 8.59 9.06
C PRO B 2 3.50 8.41 7.57
N ALA B 3 4.43 8.87 6.76
CA ALA B 3 4.25 8.82 5.31
C ALA B 3 4.49 7.46 4.68
N TPO B 4 3.57 7.06 3.79
CA TPO B 4 3.74 5.88 2.95
CB TPO B 4 2.84 4.73 3.45
CG2 TPO B 4 3.36 4.21 4.81
OG1 TPO B 4 1.55 5.33 3.52
P TPO B 4 0.29 4.32 3.75
O1P TPO B 4 -1.02 5.13 3.31
O2P TPO B 4 0.21 3.97 5.18
O3P TPO B 4 0.50 3.06 2.82
C TPO B 4 3.36 6.27 1.53
O TPO B 4 2.69 7.30 1.31
N VAL B 5 3.80 5.48 0.57
CA VAL B 5 3.45 5.74 -0.84
C VAL B 5 2.83 4.55 -1.53
MG MG C . 19.51 -4.35 7.43
MG MG D . -10.29 -9.53 -27.22
MG MG E . -14.50 -7.26 12.22
C1 KM8 F . 7.82 3.15 -15.60
C2 KM8 F . 6.85 4.28 -15.40
C3 KM8 F . 5.01 5.40 -16.67
C7 KM8 F . 3.14 6.57 -15.66
C8 KM8 F . 4.26 5.75 -15.55
C9 KM8 F . 2.34 6.90 -14.47
C10 KM8 F . 0.95 7.28 -14.51
C11 KM8 F . 0.45 7.59 -13.27
C12 KM8 F . 2.84 6.94 -13.21
C13 KM8 F . -0.88 8.04 -12.95
O KM8 F . 6.66 4.81 -14.30
C KM8 F . 7.91 2.26 -14.41
N KM8 F . 6.20 4.64 -16.54
C6 KM8 F . 2.80 7.06 -16.92
C5 KM8 F . 3.53 6.71 -18.04
C4 KM8 F . 4.64 5.88 -17.92
S KM8 F . 1.65 7.42 -12.05
N2 KM8 F . -1.22 8.38 -11.76
N1 KM8 F . -1.78 8.10 -13.94
H1 KM8 F . 7.54 2.58 -16.48
H2 KM8 F . 8.81 3.55 -15.85
H3 KM8 F . 4.53 5.41 -14.54
H4 KM8 F . 0.38 7.30 -15.43
H5 KM8 F . 3.85 6.70 -12.89
H6 KM8 F . 8.92 2.23 -14.01
H7 KM8 F . 7.24 2.59 -13.61
H8 KM8 F . 7.62 1.23 -14.66
H9 KM8 F . 6.60 4.35 -17.42
H10 KM8 F . 1.92 7.71 -17.02
H11 KM8 F . 3.24 7.09 -19.02
H12 KM8 F . 5.19 5.61 -18.83
H13 KM8 F . -2.19 8.68 -11.64
H14 KM8 F . -2.73 8.41 -13.78
H15 KM8 F . -1.52 7.85 -14.89
#